data_8SDZ
#
_entry.id   8SDZ
#
_cell.length_a   1.00
_cell.length_b   1.00
_cell.length_c   1.00
_cell.angle_alpha   90.00
_cell.angle_beta   90.00
_cell.angle_gamma   90.00
#
_symmetry.space_group_name_H-M   'P 1'
#
loop_
_entity.id
_entity.type
_entity.pdbx_description
1 polymer 'Solute carrier family 22 member 6'
2 non-polymer '4-(dipropylsulfamoyl)benzoic acid'
3 water water
#
_entity_poly.entity_id   1
_entity_poly.type   'polypeptide(L)'
_entity_poly.pdbx_seq_one_letter_code
;MAFNDLLKQVGGVGRFQLIQVTMVVAPLLLMASHNTLQNFTAAIPPHHCRPPANANLSKDGGLEAWLPLDKQGQPESCLR
FTSPQWGPPFYNGTEANGTRVTEPCIDGWVYDNSTFPSTIVTEWNLVCSHRAFRQLAQSLYMVGVLLGAMVFGYLADRLG
RRKVLILNYLQTAVSGTCAAYAPNYTVYCVFRLLSGMSLASIAINCMTLNVEWMPIHTRAYVGTLIGYVYSLGQFLLAGI
AYAVPHWRHLQLVVSVPFFIAFIYSWFFIESARWYSSSGRLDLTLRALQRVARINGKQEEGAKLSIEVLRTSLQKELTLS
KGQASAMELLRCPTLRHLFLCLSMLWFATSFAYYGLVMDLQGFGVSMYLIQVIFGAVDLPAKFVCFLVINSMGRRPAQMA
SLLLAGICILVNGIIPKSHTIIRTSLAVLGKGCLASSFNCIFLYTGELYPTVIRQTGLGMGSTMARVGSIVSPLVSMTAE
FYPSMPLFIFGAVPVVASAVTALLPETLGQPLPDTVQDLKSRSRGKQNQQQQEQQKQMMPLQASTQEKNGL
;
_entity_poly.pdbx_strand_id   A
#
loop_
_chem_comp.id
_chem_comp.type
_chem_comp.name
_chem_comp.formula
RTO non-polymer '4-(dipropylsulfamoyl)benzoic acid' 'C13 H19 N O4 S'
#
# COMPACT_ATOMS: atom_id res chain seq x y z
N ALA A 2 -35.01 3.46 -1.43
CA ALA A 2 -33.68 3.39 -0.83
C ALA A 2 -33.02 2.06 -1.17
N PHE A 3 -31.82 2.12 -1.76
CA PHE A 3 -31.15 0.90 -2.23
C PHE A 3 -30.86 -0.06 -1.08
N ASN A 4 -30.69 0.46 0.15
CA ASN A 4 -30.54 -0.40 1.30
C ASN A 4 -31.76 -1.29 1.48
N ASP A 5 -32.96 -0.76 1.18
CA ASP A 5 -34.17 -1.56 1.32
C ASP A 5 -34.23 -2.68 0.30
N LEU A 6 -33.80 -2.42 -0.95
CA LEU A 6 -33.72 -3.50 -1.92
C LEU A 6 -32.69 -4.54 -1.51
N LEU A 7 -31.55 -4.10 -0.99
CA LEU A 7 -30.53 -5.04 -0.54
C LEU A 7 -31.04 -5.91 0.60
N LYS A 8 -31.76 -5.31 1.55
CA LYS A 8 -32.35 -6.09 2.63
C LYS A 8 -33.42 -7.05 2.10
N GLN A 9 -34.23 -6.58 1.15
CA GLN A 9 -35.30 -7.40 0.60
C GLN A 9 -34.75 -8.61 -0.14
N VAL A 10 -33.68 -8.43 -0.91
CA VAL A 10 -33.12 -9.53 -1.70
C VAL A 10 -32.24 -10.45 -0.88
N GLY A 11 -32.04 -10.18 0.41
CA GLY A 11 -31.28 -11.08 1.25
C GLY A 11 -30.39 -10.41 2.27
N GLY A 12 -29.97 -9.18 2.01
CA GLY A 12 -29.04 -8.52 2.93
C GLY A 12 -27.69 -9.20 2.89
N VAL A 13 -27.20 -9.60 4.06
CA VAL A 13 -25.92 -10.29 4.18
C VAL A 13 -26.21 -11.78 4.08
N GLY A 14 -26.20 -12.30 2.85
CA GLY A 14 -26.49 -13.68 2.57
C GLY A 14 -25.29 -14.44 2.03
N ARG A 15 -25.59 -15.57 1.39
CA ARG A 15 -24.53 -16.42 0.83
C ARG A 15 -23.75 -15.68 -0.25
N PHE A 16 -24.45 -14.99 -1.15
CA PHE A 16 -23.78 -14.30 -2.24
C PHE A 16 -22.84 -13.22 -1.73
N GLN A 17 -23.29 -12.47 -0.71
CA GLN A 17 -22.45 -11.41 -0.16
C GLN A 17 -21.13 -11.96 0.35
N LEU A 18 -21.20 -13.04 1.14
CA LEU A 18 -19.99 -13.63 1.69
C LEU A 18 -19.08 -14.17 0.58
N ILE A 19 -19.68 -14.88 -0.38
CA ILE A 19 -18.88 -15.49 -1.45
C ILE A 19 -18.17 -14.41 -2.26
N GLN A 20 -18.92 -13.40 -2.71
CA GLN A 20 -18.34 -12.34 -3.53
C GLN A 20 -17.30 -11.56 -2.75
N VAL A 21 -17.58 -11.24 -1.49
CA VAL A 21 -16.64 -10.47 -0.68
C VAL A 21 -15.32 -11.24 -0.52
N THR A 22 -15.41 -12.55 -0.24
CA THR A 22 -14.20 -13.34 -0.04
C THR A 22 -13.40 -13.46 -1.35
N MET A 23 -14.08 -13.74 -2.46
CA MET A 23 -13.39 -13.82 -3.74
C MET A 23 -12.73 -12.50 -4.11
N VAL A 24 -13.43 -11.38 -3.88
CA VAL A 24 -12.89 -10.08 -4.24
C VAL A 24 -11.72 -9.69 -3.34
N VAL A 25 -11.78 -10.04 -2.05
CA VAL A 25 -10.73 -9.65 -1.10
C VAL A 25 -9.56 -10.61 -1.10
N ALA A 26 -9.67 -11.77 -1.73
CA ALA A 26 -8.54 -12.70 -1.79
C ALA A 26 -7.26 -12.08 -2.36
N PRO A 27 -7.27 -11.33 -3.46
CA PRO A 27 -6.00 -10.75 -3.97
C PRO A 27 -5.33 -9.78 -3.00
N LEU A 28 -6.06 -9.25 -2.02
CA LEU A 28 -5.43 -8.39 -1.02
C LEU A 28 -4.35 -9.11 -0.23
N LEU A 29 -4.37 -10.45 -0.21
CA LEU A 29 -3.28 -11.19 0.44
C LEU A 29 -1.95 -10.97 -0.29
N LEU A 30 -1.97 -11.00 -1.61
CA LEU A 30 -0.76 -10.76 -2.41
C LEU A 30 -0.53 -9.28 -2.69
N MET A 31 -1.49 -8.42 -2.37
CA MET A 31 -1.28 -6.99 -2.55
C MET A 31 -0.07 -6.50 -1.77
N ALA A 32 0.05 -6.90 -0.49
CA ALA A 32 1.19 -6.48 0.31
C ALA A 32 2.49 -7.08 -0.21
N SER A 33 2.45 -8.33 -0.67
CA SER A 33 3.65 -8.95 -1.23
C SER A 33 4.14 -8.17 -2.43
N HIS A 34 3.22 -7.78 -3.32
CA HIS A 34 3.64 -6.99 -4.48
C HIS A 34 4.08 -5.59 -4.07
N ASN A 35 3.46 -5.01 -3.04
CA ASN A 35 3.84 -3.67 -2.61
C ASN A 35 5.27 -3.64 -2.06
N THR A 36 5.65 -4.65 -1.27
CA THR A 36 6.96 -4.65 -0.63
C THR A 36 7.86 -5.80 -1.12
N LEU A 37 7.67 -6.26 -2.35
CA LEU A 37 8.51 -7.31 -2.91
C LEU A 37 9.97 -6.92 -2.98
N GLN A 38 10.27 -5.63 -3.18
CA GLN A 38 11.65 -5.21 -3.38
C GLN A 38 12.52 -5.43 -2.15
N ASN A 39 11.94 -5.69 -0.98
CA ASN A 39 12.74 -6.03 0.18
C ASN A 39 13.50 -7.33 -0.03
N PHE A 40 12.95 -8.25 -0.81
CA PHE A 40 13.57 -9.54 -1.07
C PHE A 40 14.05 -9.72 -2.49
N THR A 41 13.32 -9.18 -3.48
CA THR A 41 13.78 -9.27 -4.86
C THR A 41 14.89 -8.27 -5.16
N ALA A 42 15.07 -7.26 -4.30
CA ALA A 42 16.13 -6.26 -4.48
C ALA A 42 16.98 -6.17 -3.22
N ALA A 43 17.15 -7.29 -2.50
CA ALA A 43 18.02 -7.30 -1.33
C ALA A 43 19.47 -7.09 -1.74
N ILE A 44 20.21 -6.38 -0.89
CA ILE A 44 21.60 -6.03 -1.18
C ILE A 44 22.49 -6.95 -0.35
N PRO A 45 23.16 -7.93 -0.95
CA PRO A 45 24.09 -8.77 -0.20
C PRO A 45 25.46 -8.11 -0.12
N PRO A 46 26.33 -8.57 0.77
CA PRO A 46 27.69 -8.03 0.81
C PRO A 46 28.41 -8.23 -0.51
N HIS A 47 29.19 -7.23 -0.91
CA HIS A 47 29.88 -7.27 -2.18
C HIS A 47 31.20 -6.53 -2.06
N HIS A 48 32.11 -6.83 -2.98
CA HIS A 48 33.40 -6.17 -3.03
C HIS A 48 33.93 -6.25 -4.46
N CYS A 49 34.96 -5.45 -4.74
CA CYS A 49 35.55 -5.40 -6.06
C CYS A 49 36.10 -6.77 -6.46
N ARG A 50 35.80 -7.18 -7.69
CA ARG A 50 36.37 -8.41 -8.22
C ARG A 50 37.81 -8.19 -8.62
N PRO A 51 38.74 -9.06 -8.20
CA PRO A 51 40.14 -8.85 -8.58
C PRO A 51 40.33 -9.00 -10.07
N PRO A 52 41.37 -8.37 -10.63
CA PRO A 52 41.58 -8.46 -12.08
C PRO A 52 41.78 -9.90 -12.54
N ALA A 53 41.25 -10.19 -13.73
CA ALA A 53 41.32 -11.56 -14.25
C ALA A 53 42.76 -11.99 -14.53
N ASN A 54 43.57 -11.09 -15.08
CA ASN A 54 44.94 -11.44 -15.40
C ASN A 54 45.75 -11.75 -14.14
N ALA A 55 45.52 -10.99 -13.07
CA ALA A 55 46.23 -11.22 -11.82
C ALA A 55 45.83 -12.55 -11.20
N ASN A 56 46.76 -13.14 -10.47
CA ASN A 56 46.57 -14.45 -9.83
C ASN A 56 46.33 -14.25 -8.34
N LEU A 57 45.28 -14.90 -7.83
CA LEU A 57 44.93 -14.80 -6.42
C LEU A 57 45.82 -15.71 -5.58
N GLY A 61 49.47 -12.79 -3.04
CA GLY A 61 48.92 -12.27 -1.80
C GLY A 61 47.54 -12.80 -1.49
N GLY A 62 46.64 -12.72 -2.46
CA GLY A 62 45.28 -13.19 -2.32
C GLY A 62 44.27 -12.08 -2.51
N LEU A 63 43.01 -12.43 -2.22
CA LEU A 63 41.92 -11.46 -2.34
C LEU A 63 42.06 -10.34 -1.31
N GLU A 64 42.53 -10.68 -0.10
CA GLU A 64 42.63 -9.68 0.95
C GLU A 64 43.62 -8.58 0.61
N ALA A 65 44.60 -8.85 -0.25
CA ALA A 65 45.56 -7.82 -0.65
C ALA A 65 45.01 -6.89 -1.72
N TRP A 66 43.88 -7.24 -2.34
CA TRP A 66 43.29 -6.42 -3.39
C TRP A 66 42.18 -5.51 -2.89
N LEU A 67 41.67 -5.74 -1.69
CA LEU A 67 40.52 -4.98 -1.19
C LEU A 67 40.91 -4.12 0.00
N PRO A 68 40.87 -2.79 -0.13
CA PRO A 68 41.10 -1.94 1.04
C PRO A 68 40.03 -2.15 2.11
N LEU A 69 40.45 -2.06 3.36
CA LEU A 69 39.54 -2.24 4.49
C LEU A 69 38.92 -0.91 4.89
N ASP A 70 37.79 -1.00 5.59
CA ASP A 70 37.06 0.16 6.04
C ASP A 70 37.33 0.40 7.53
N LYS A 71 36.61 1.36 8.11
CA LYS A 71 36.78 1.66 9.53
C LYS A 71 36.33 0.50 10.41
N GLN A 72 35.37 -0.29 9.94
CA GLN A 72 34.82 -1.40 10.71
C GLN A 72 35.51 -2.73 10.45
N GLY A 73 36.56 -2.74 9.62
CA GLY A 73 37.29 -3.96 9.34
C GLY A 73 36.73 -4.81 8.23
N GLN A 74 35.92 -4.24 7.34
CA GLN A 74 35.34 -4.97 6.21
C GLN A 74 35.90 -4.43 4.90
N PRO A 75 35.99 -5.27 3.87
CA PRO A 75 36.46 -4.79 2.57
C PRO A 75 35.54 -3.72 2.00
N GLU A 76 36.15 -2.76 1.32
CA GLU A 76 35.37 -1.70 0.67
C GLU A 76 34.51 -2.28 -0.42
N SER A 77 33.27 -1.78 -0.51
CA SER A 77 32.31 -2.35 -1.45
C SER A 77 32.75 -2.13 -2.89
N CYS A 78 33.22 -0.93 -3.22
CA CYS A 78 33.56 -0.59 -4.60
C CYS A 78 34.89 0.15 -4.67
N LEU A 79 35.91 -0.40 -4.00
CA LEU A 79 37.26 0.13 -4.11
C LEU A 79 38.24 -1.03 -4.06
N ARG A 80 39.23 -1.01 -4.95
CA ARG A 80 40.26 -2.02 -4.97
C ARG A 80 41.61 -1.37 -5.27
N PHE A 81 42.67 -1.97 -4.74
CA PHE A 81 44.01 -1.45 -4.96
C PHE A 81 44.43 -1.68 -6.41
N THR A 82 45.14 -0.69 -6.97
CA THR A 82 45.67 -0.85 -8.32
C THR A 82 46.68 -1.98 -8.41
N SER A 83 47.55 -2.10 -7.41
CA SER A 83 48.54 -3.16 -7.34
C SER A 83 48.36 -3.92 -6.03
N PRO A 84 48.64 -5.22 -6.02
CA PRO A 84 48.49 -6.00 -4.79
C PRO A 84 49.44 -5.51 -3.70
N GLN A 85 48.97 -5.61 -2.46
CA GLN A 85 49.76 -5.18 -1.31
C GLN A 85 50.62 -6.32 -0.77
N ARG A 100 49.46 2.93 -2.50
CA ARG A 100 48.08 2.60 -2.17
C ARG A 100 47.11 3.43 -3.00
N VAL A 101 46.94 3.04 -4.26
CA VAL A 101 46.03 3.72 -5.18
C VAL A 101 44.78 2.87 -5.32
N THR A 102 43.61 3.49 -5.11
CA THR A 102 42.34 2.79 -5.14
C THR A 102 41.54 3.18 -6.37
N GLU A 103 40.91 2.19 -6.99
CA GLU A 103 40.11 2.37 -8.19
C GLU A 103 38.79 1.63 -8.06
N PRO A 104 37.75 2.07 -8.77
CA PRO A 104 36.44 1.39 -8.65
C PRO A 104 36.45 0.00 -9.24
N CYS A 105 35.33 -0.71 -9.13
CA CYS A 105 35.21 -2.07 -9.63
C CYS A 105 34.99 -2.04 -11.15
N ILE A 106 36.09 -2.03 -11.89
CA ILE A 106 36.00 -2.16 -13.34
C ILE A 106 35.58 -3.57 -13.72
N ASP A 107 36.12 -4.57 -13.02
CA ASP A 107 35.85 -5.98 -13.32
C ASP A 107 34.64 -6.53 -12.59
N GLY A 108 33.73 -5.67 -12.15
CA GLY A 108 32.52 -6.13 -11.50
C GLY A 108 32.72 -6.40 -10.02
N TRP A 109 31.66 -6.96 -9.42
CA TRP A 109 31.61 -7.21 -7.99
C TRP A 109 31.43 -8.70 -7.73
N VAL A 110 31.76 -9.11 -6.51
CA VAL A 110 31.54 -10.47 -6.03
C VAL A 110 30.49 -10.41 -4.93
N TYR A 111 29.34 -11.01 -5.18
CA TYR A 111 28.21 -10.93 -4.27
C TYR A 111 28.13 -12.21 -3.43
N ASP A 112 27.90 -12.04 -2.14
CA ASP A 112 27.76 -13.18 -1.23
C ASP A 112 26.39 -13.81 -1.44
N ASN A 113 26.37 -15.09 -1.82
CA ASN A 113 25.14 -15.80 -2.13
C ASN A 113 24.72 -16.75 -1.03
N SER A 114 25.20 -16.55 0.19
CA SER A 114 24.84 -17.42 1.30
C SER A 114 23.34 -17.34 1.60
N THR A 115 22.78 -16.12 1.58
CA THR A 115 21.38 -15.91 1.88
C THR A 115 20.54 -15.62 0.63
N PHE A 116 20.97 -14.69 -0.21
CA PHE A 116 20.24 -14.34 -1.41
C PHE A 116 20.97 -14.89 -2.63
N PRO A 117 20.47 -15.96 -3.26
CA PRO A 117 21.18 -16.47 -4.45
C PRO A 117 21.25 -15.48 -5.60
N SER A 118 20.21 -14.68 -5.80
CA SER A 118 20.18 -13.72 -6.91
C SER A 118 19.06 -12.73 -6.69
N THR A 119 19.41 -11.44 -6.71
CA THR A 119 18.45 -10.35 -6.67
C THR A 119 18.71 -9.43 -7.86
N ILE A 120 17.82 -8.45 -8.05
CA ILE A 120 18.02 -7.48 -9.12
C ILE A 120 19.26 -6.64 -8.87
N VAL A 121 19.70 -6.52 -7.62
CA VAL A 121 20.93 -5.81 -7.31
C VAL A 121 22.14 -6.58 -7.83
N THR A 122 22.17 -7.89 -7.59
CA THR A 122 23.27 -8.73 -8.07
C THR A 122 23.17 -9.02 -9.55
N GLU A 123 21.96 -9.07 -10.11
CA GLU A 123 21.79 -9.41 -11.51
C GLU A 123 22.30 -8.29 -12.42
N TRP A 124 22.00 -7.03 -12.07
CA TRP A 124 22.33 -5.89 -12.90
C TRP A 124 23.34 -4.96 -12.25
N ASN A 125 23.99 -5.39 -11.16
CA ASN A 125 25.03 -4.61 -10.49
C ASN A 125 24.54 -3.22 -10.09
N LEU A 126 23.39 -3.18 -9.41
CA LEU A 126 22.85 -1.94 -8.88
C LEU A 126 23.49 -1.61 -7.54
N VAL A 127 24.80 -1.36 -7.59
CA VAL A 127 25.59 -1.10 -6.39
C VAL A 127 26.40 0.18 -6.57
N CYS A 128 26.59 0.90 -5.47
CA CYS A 128 27.44 2.08 -5.41
C CYS A 128 26.97 3.19 -6.36
N SER A 129 27.71 3.39 -7.45
CA SER A 129 27.35 4.45 -8.40
C SER A 129 26.00 4.21 -9.05
N HIS A 130 25.49 2.99 -8.97
CA HIS A 130 24.21 2.63 -9.57
C HIS A 130 23.18 2.16 -8.55
N ARG A 131 23.50 2.22 -7.25
CA ARG A 131 22.56 1.69 -6.26
C ARG A 131 21.33 2.56 -6.12
N ALA A 132 21.37 3.80 -6.63
CA ALA A 132 20.17 4.63 -6.63
C ALA A 132 19.10 4.08 -7.56
N PHE A 133 19.47 3.20 -8.48
CA PHE A 133 18.48 2.59 -9.37
C PHE A 133 17.55 1.64 -8.62
N ARG A 134 18.02 1.08 -7.50
CA ARG A 134 17.16 0.21 -6.70
C ARG A 134 15.98 0.98 -6.12
N GLN A 135 16.23 2.20 -5.64
CA GLN A 135 15.13 3.02 -5.13
C GLN A 135 14.29 3.60 -6.25
N LEU A 136 14.88 3.77 -7.44
CA LEU A 136 14.10 4.27 -8.58
C LEU A 136 13.10 3.23 -9.06
N ALA A 137 13.46 1.95 -8.99
CA ALA A 137 12.52 0.89 -9.37
C ALA A 137 11.32 0.86 -8.45
N GLN A 138 11.55 1.03 -7.14
CA GLN A 138 10.44 1.10 -6.19
C GLN A 138 9.63 2.36 -6.40
N SER A 139 10.29 3.49 -6.69
CA SER A 139 9.58 4.73 -6.96
C SER A 139 8.74 4.62 -8.21
N LEU A 140 9.26 3.97 -9.26
CA LEU A 140 8.50 3.82 -10.49
C LEU A 140 7.30 2.90 -10.28
N TYR A 141 7.44 1.87 -9.45
CA TYR A 141 6.29 1.01 -9.14
C TYR A 141 5.19 1.80 -8.44
N MET A 142 5.56 2.68 -7.50
CA MET A 142 4.56 3.50 -6.84
C MET A 142 4.00 4.57 -7.75
N VAL A 143 4.75 4.96 -8.79
CA VAL A 143 4.18 5.85 -9.80
C VAL A 143 3.05 5.17 -10.54
N GLY A 144 3.22 3.90 -10.89
CA GLY A 144 2.13 3.14 -11.48
C GLY A 144 0.96 2.97 -10.54
N VAL A 145 1.24 2.84 -9.25
CA VAL A 145 0.17 2.76 -8.26
C VAL A 145 -0.64 4.04 -8.24
N LEU A 146 0.04 5.19 -8.29
CA LEU A 146 -0.66 6.47 -8.37
C LEU A 146 -1.42 6.58 -9.69
N LEU A 147 -0.80 6.18 -10.80
CA LEU A 147 -1.46 6.26 -12.10
C LEU A 147 -2.64 5.31 -12.16
N GLY A 148 -2.49 4.10 -11.63
CA GLY A 148 -3.58 3.14 -11.64
C GLY A 148 -4.78 3.60 -10.84
N ALA A 149 -4.54 4.32 -9.75
CA ALA A 149 -5.64 4.87 -8.97
C ALA A 149 -6.46 5.87 -9.76
N MET A 150 -5.79 6.70 -10.56
CA MET A 150 -6.46 7.75 -11.31
C MET A 150 -6.97 7.26 -12.66
N VAL A 151 -6.15 6.52 -13.41
CA VAL A 151 -6.55 6.08 -14.74
C VAL A 151 -7.67 5.06 -14.65
N PHE A 152 -7.50 4.04 -13.82
CA PHE A 152 -8.50 2.99 -13.72
C PHE A 152 -9.68 3.37 -12.83
N GLY A 153 -9.55 4.42 -12.02
CA GLY A 153 -10.71 4.92 -11.31
C GLY A 153 -11.74 5.52 -12.25
N TYR A 154 -11.29 6.24 -13.26
CA TYR A 154 -12.19 6.77 -14.28
C TYR A 154 -12.73 5.65 -15.17
N LEU A 155 -11.90 4.64 -15.44
CA LEU A 155 -12.33 3.54 -16.30
C LEU A 155 -13.39 2.69 -15.62
N ALA A 156 -13.33 2.56 -14.29
CA ALA A 156 -14.32 1.78 -13.57
C ALA A 156 -15.72 2.39 -13.71
N ASP A 157 -15.81 3.72 -13.69
CA ASP A 157 -17.09 4.39 -13.82
C ASP A 157 -17.70 4.27 -15.21
N ARG A 158 -16.94 3.80 -16.19
CA ARG A 158 -17.43 3.63 -17.55
C ARG A 158 -17.66 2.17 -17.94
N LEU A 159 -16.73 1.28 -17.59
CA LEU A 159 -16.84 -0.13 -17.92
C LEU A 159 -17.44 -0.97 -16.81
N GLY A 160 -17.61 -0.42 -15.62
CA GLY A 160 -18.09 -1.20 -14.50
C GLY A 160 -16.96 -1.77 -13.67
N ARG A 161 -17.25 -2.00 -12.39
CA ARG A 161 -16.23 -2.53 -11.49
C ARG A 161 -15.86 -3.97 -11.82
N ARG A 162 -16.82 -4.76 -12.29
CA ARG A 162 -16.53 -6.16 -12.60
C ARG A 162 -15.61 -6.29 -13.80
N LYS A 163 -15.91 -5.57 -14.89
CA LYS A 163 -15.11 -5.68 -16.11
C LYS A 163 -13.68 -5.22 -15.86
N VAL A 164 -13.51 -4.12 -15.12
CA VAL A 164 -12.17 -3.61 -14.84
C VAL A 164 -11.41 -4.59 -13.96
N LEU A 165 -12.09 -5.24 -13.02
CA LEU A 165 -11.42 -6.20 -12.15
C LEU A 165 -10.91 -7.39 -12.95
N ILE A 166 -11.67 -7.83 -13.97
CA ILE A 166 -11.21 -8.92 -14.82
C ILE A 166 -9.93 -8.53 -15.56
N LEU A 167 -9.89 -7.30 -16.09
CA LEU A 167 -8.71 -6.83 -16.78
C LEU A 167 -7.51 -6.68 -15.83
N ASN A 168 -7.78 -6.21 -14.61
CA ASN A 168 -6.69 -6.00 -13.66
C ASN A 168 -6.03 -7.30 -13.26
N TYR A 169 -6.81 -8.37 -13.09
CA TYR A 169 -6.23 -9.67 -12.78
C TYR A 169 -5.35 -10.16 -13.92
N LEU A 170 -5.80 -9.97 -15.16
CA LEU A 170 -4.97 -10.36 -16.31
C LEU A 170 -3.73 -9.48 -16.42
N GLN A 171 -3.89 -8.18 -16.20
CA GLN A 171 -2.75 -7.27 -16.32
C GLN A 171 -1.70 -7.56 -15.25
N THR A 172 -2.13 -7.80 -14.01
CA THR A 172 -1.18 -8.08 -12.93
C THR A 172 -0.43 -9.39 -13.18
N ALA A 173 -1.14 -10.41 -13.63
CA ALA A 173 -0.49 -11.69 -13.91
C ALA A 173 0.49 -11.57 -15.08
N VAL A 174 0.09 -10.85 -16.14
CA VAL A 174 0.97 -10.70 -17.29
C VAL A 174 2.17 -9.82 -16.95
N SER A 175 1.92 -8.68 -16.30
CA SER A 175 3.01 -7.77 -15.97
C SER A 175 3.93 -8.37 -14.92
N GLY A 176 3.37 -9.06 -13.92
CA GLY A 176 4.21 -9.71 -12.92
C GLY A 176 5.08 -10.81 -13.50
N THR A 177 4.50 -11.62 -14.39
CA THR A 177 5.29 -12.65 -15.06
C THR A 177 6.34 -12.04 -15.98
N CYS A 178 5.96 -10.99 -16.71
CA CYS A 178 6.90 -10.32 -17.61
C CYS A 178 8.05 -9.66 -16.85
N ALA A 179 7.76 -9.08 -15.68
CA ALA A 179 8.82 -8.51 -14.86
C ALA A 179 9.76 -9.57 -14.32
N ALA A 180 9.26 -10.78 -14.08
CA ALA A 180 10.11 -11.88 -13.64
C ALA A 180 11.08 -12.30 -14.74
N TYR A 181 10.65 -12.26 -16.00
CA TYR A 181 11.48 -12.62 -17.13
C TYR A 181 12.10 -11.41 -17.81
N ALA A 182 12.21 -10.29 -17.10
CA ALA A 182 12.75 -9.08 -17.71
C ALA A 182 14.21 -9.27 -18.07
N PRO A 183 14.61 -8.95 -19.30
CA PRO A 183 16.00 -9.19 -19.71
C PRO A 183 16.96 -8.12 -19.22
N ASN A 184 16.47 -6.92 -18.97
CA ASN A 184 17.31 -5.83 -18.51
C ASN A 184 16.54 -4.97 -17.50
N TYR A 185 17.24 -3.97 -16.97
CA TYR A 185 16.67 -3.14 -15.90
C TYR A 185 15.51 -2.30 -16.41
N THR A 186 15.60 -1.78 -17.64
CA THR A 186 14.55 -0.91 -18.15
C THR A 186 13.23 -1.66 -18.30
N VAL A 187 13.27 -2.89 -18.81
CA VAL A 187 12.05 -3.67 -18.98
C VAL A 187 11.45 -4.03 -17.63
N TYR A 188 12.29 -4.32 -16.63
CA TYR A 188 11.79 -4.62 -15.30
C TYR A 188 11.04 -3.44 -14.71
N CYS A 189 11.57 -2.22 -14.87
CA CYS A 189 10.92 -1.04 -14.33
C CYS A 189 9.59 -0.75 -15.04
N VAL A 190 9.54 -0.93 -16.36
CA VAL A 190 8.31 -0.68 -17.09
C VAL A 190 7.22 -1.63 -16.66
N PHE A 191 7.54 -2.92 -16.52
CA PHE A 191 6.52 -3.90 -16.16
C PHE A 191 6.17 -3.86 -14.69
N ARG A 192 7.10 -3.45 -13.83
CA ARG A 192 6.75 -3.20 -12.43
C ARG A 192 5.78 -2.03 -12.32
N LEU A 193 6.00 -0.99 -13.13
CA LEU A 193 5.05 0.12 -13.18
C LEU A 193 3.69 -0.35 -13.68
N LEU A 194 3.67 -1.20 -14.71
CA LEU A 194 2.40 -1.68 -15.24
C LEU A 194 1.68 -2.59 -14.27
N SER A 195 2.42 -3.42 -13.53
CA SER A 195 1.79 -4.27 -12.54
C SER A 195 1.20 -3.46 -11.39
N GLY A 196 1.86 -2.36 -11.02
CA GLY A 196 1.32 -1.49 -9.99
C GLY A 196 0.04 -0.80 -10.40
N MET A 197 -0.11 -0.48 -11.68
CA MET A 197 -1.31 0.18 -12.16
C MET A 197 -2.56 -0.65 -11.91
N SER A 198 -2.49 -1.94 -12.24
CA SER A 198 -3.64 -2.82 -12.05
C SER A 198 -3.86 -3.15 -10.58
N LEU A 199 -2.78 -3.31 -9.82
CA LEU A 199 -2.90 -3.68 -8.41
C LEU A 199 -3.45 -2.54 -7.59
N ALA A 200 -3.12 -1.30 -7.95
CA ALA A 200 -3.69 -0.15 -7.24
C ALA A 200 -5.20 -0.11 -7.41
N SER A 201 -5.70 -0.39 -8.62
CA SER A 201 -7.14 -0.42 -8.82
C SER A 201 -7.75 -1.73 -8.37
N ILE A 202 -6.94 -2.77 -8.18
CA ILE A 202 -7.46 -4.00 -7.59
C ILE A 202 -7.92 -3.74 -6.16
N ALA A 203 -7.11 -3.02 -5.38
CA ALA A 203 -7.50 -2.67 -4.02
C ALA A 203 -8.65 -1.66 -4.03
N ILE A 204 -8.59 -0.68 -4.93
CA ILE A 204 -9.62 0.35 -4.97
C ILE A 204 -10.96 -0.25 -5.39
N ASN A 205 -10.96 -1.05 -6.45
CA ASN A 205 -12.19 -1.70 -6.89
C ASN A 205 -12.61 -2.84 -5.96
N CYS A 206 -11.73 -3.28 -5.07
CA CYS A 206 -12.14 -4.27 -4.08
C CYS A 206 -13.03 -3.65 -3.01
N MET A 207 -12.68 -2.45 -2.55
CA MET A 207 -13.53 -1.77 -1.57
C MET A 207 -14.77 -1.19 -2.23
N THR A 208 -14.65 -0.74 -3.48
CA THR A 208 -15.81 -0.15 -4.15
C THR A 208 -16.85 -1.20 -4.50
N LEU A 209 -16.43 -2.31 -5.10
CA LEU A 209 -17.39 -3.35 -5.48
C LEU A 209 -18.03 -3.99 -4.27
N ASN A 210 -17.31 -4.07 -3.14
CA ASN A 210 -17.84 -4.72 -1.95
C ASN A 210 -18.90 -3.87 -1.26
N VAL A 211 -18.67 -2.56 -1.13
CA VAL A 211 -19.60 -1.73 -0.39
C VAL A 211 -20.93 -1.60 -1.14
N GLU A 212 -20.88 -1.56 -2.47
CA GLU A 212 -22.12 -1.41 -3.24
C GLU A 212 -23.02 -2.64 -3.15
N TRP A 213 -22.47 -3.80 -2.78
CA TRP A 213 -23.30 -4.98 -2.60
C TRP A 213 -23.56 -5.30 -1.13
N MET A 214 -23.17 -4.40 -0.22
CA MET A 214 -23.32 -4.66 1.20
C MET A 214 -24.13 -3.55 1.84
N PRO A 215 -24.90 -3.86 2.87
CA PRO A 215 -25.73 -2.83 3.51
C PRO A 215 -24.88 -1.73 4.14
N ILE A 216 -25.49 -0.54 4.24
CA ILE A 216 -24.77 0.62 4.75
C ILE A 216 -24.30 0.38 6.19
N HIS A 217 -25.11 -0.30 6.99
CA HIS A 217 -24.77 -0.56 8.38
C HIS A 217 -23.61 -1.54 8.53
N THR A 218 -23.11 -2.13 7.45
CA THR A 218 -21.98 -3.05 7.50
C THR A 218 -20.81 -2.57 6.65
N ARG A 219 -20.73 -1.27 6.37
CA ARG A 219 -19.60 -0.76 5.60
C ARG A 219 -18.32 -0.76 6.44
N ALA A 220 -18.44 -0.48 7.74
CA ALA A 220 -17.26 -0.46 8.61
C ALA A 220 -16.60 -1.84 8.68
N TYR A 221 -17.38 -2.91 8.61
CA TYR A 221 -16.81 -4.24 8.58
C TYR A 221 -15.97 -4.46 7.34
N VAL A 222 -16.44 -3.95 6.19
CA VAL A 222 -15.69 -4.10 4.94
C VAL A 222 -14.36 -3.37 5.03
N GLY A 223 -14.38 -2.14 5.55
CA GLY A 223 -13.14 -1.38 5.69
C GLY A 223 -12.17 -2.03 6.67
N THR A 224 -12.69 -2.51 7.79
CA THR A 224 -11.85 -3.21 8.76
C THR A 224 -11.29 -4.51 8.18
N LEU A 225 -12.12 -5.25 7.46
CA LEU A 225 -11.67 -6.51 6.89
C LEU A 225 -10.55 -6.30 5.88
N ILE A 226 -10.67 -5.29 5.02
CA ILE A 226 -9.65 -5.04 4.00
C ILE A 226 -8.32 -4.71 4.64
N GLY A 227 -8.34 -3.88 5.69
CA GLY A 227 -7.12 -3.64 6.45
C GLY A 227 -6.57 -4.89 7.10
N TYR A 228 -7.46 -5.78 7.54
CA TYR A 228 -7.01 -7.04 8.12
C TYR A 228 -6.35 -7.93 7.06
N VAL A 229 -7.02 -8.14 5.92
CA VAL A 229 -6.47 -9.02 4.90
C VAL A 229 -5.12 -8.53 4.41
N TYR A 230 -4.93 -7.20 4.40
CA TYR A 230 -3.62 -6.66 4.09
C TYR A 230 -2.60 -7.05 5.16
N SER A 231 -3.03 -7.15 6.42
CA SER A 231 -2.10 -7.48 7.49
C SER A 231 -1.64 -8.93 7.40
N LEU A 232 -2.56 -9.88 7.20
CA LEU A 232 -2.13 -11.26 6.99
C LEU A 232 -1.43 -11.45 5.65
N GLY A 233 -1.50 -10.47 4.75
CA GLY A 233 -0.71 -10.55 3.53
C GLY A 233 0.77 -10.36 3.79
N GLN A 234 1.12 -9.66 4.87
CA GLN A 234 2.52 -9.51 5.23
C GLN A 234 3.10 -10.81 5.79
N PHE A 235 2.28 -11.60 6.48
CA PHE A 235 2.71 -12.94 6.89
C PHE A 235 3.01 -13.81 5.67
N LEU A 236 2.16 -13.72 4.64
CA LEU A 236 2.31 -14.58 3.49
C LEU A 236 3.60 -14.28 2.74
N LEU A 237 3.96 -13.00 2.62
CA LEU A 237 5.17 -12.63 1.88
C LEU A 237 6.41 -13.20 2.53
N ALA A 238 6.49 -13.16 3.86
CA ALA A 238 7.65 -13.71 4.55
C ALA A 238 7.76 -15.21 4.32
N GLY A 239 6.63 -15.92 4.35
CA GLY A 239 6.66 -17.34 4.08
C GLY A 239 7.02 -17.65 2.64
N ILE A 240 6.47 -16.89 1.69
CA ILE A 240 6.75 -17.12 0.28
C ILE A 240 8.21 -16.79 -0.03
N ALA A 241 8.68 -15.63 0.43
CA ALA A 241 10.04 -15.22 0.16
C ALA A 241 11.07 -16.13 0.83
N TYR A 242 10.69 -16.83 1.89
CA TYR A 242 11.62 -17.75 2.55
C TYR A 242 11.84 -19.00 1.71
N ALA A 243 10.77 -19.57 1.16
CA ALA A 243 10.89 -20.78 0.36
C ALA A 243 11.25 -20.48 -1.10
N VAL A 244 11.14 -19.23 -1.53
CA VAL A 244 11.46 -18.84 -2.91
C VAL A 244 12.45 -17.69 -2.86
N PRO A 245 13.73 -17.95 -2.61
CA PRO A 245 14.69 -16.84 -2.43
C PRO A 245 15.09 -16.17 -3.74
N HIS A 246 15.11 -16.91 -4.84
CA HIS A 246 15.50 -16.35 -6.12
C HIS A 246 14.49 -15.29 -6.56
N TRP A 247 15.00 -14.14 -7.01
CA TRP A 247 14.12 -13.00 -7.30
C TRP A 247 13.23 -13.27 -8.50
N ARG A 248 13.77 -13.94 -9.53
CA ARG A 248 12.94 -14.25 -10.70
C ARG A 248 11.82 -15.22 -10.35
N HIS A 249 12.11 -16.23 -9.53
CA HIS A 249 11.07 -17.15 -9.10
C HIS A 249 10.11 -16.49 -8.13
N LEU A 250 10.62 -15.66 -7.22
CA LEU A 250 9.76 -14.98 -6.25
C LEU A 250 8.80 -14.03 -6.94
N GLN A 251 9.29 -13.27 -7.93
CA GLN A 251 8.42 -12.35 -8.67
C GLN A 251 7.36 -13.12 -9.44
N LEU A 252 7.72 -14.25 -10.04
CA LEU A 252 6.76 -15.05 -10.79
C LEU A 252 5.76 -15.75 -9.88
N VAL A 253 6.21 -16.23 -8.72
CA VAL A 253 5.34 -16.99 -7.82
C VAL A 253 4.22 -16.12 -7.29
N VAL A 254 4.51 -14.86 -6.96
CA VAL A 254 3.49 -13.96 -6.43
C VAL A 254 2.65 -13.32 -7.52
N SER A 255 2.85 -13.70 -8.78
CA SER A 255 2.10 -13.13 -9.89
C SER A 255 1.18 -14.10 -10.60
N VAL A 256 1.52 -15.39 -10.61
CA VAL A 256 0.70 -16.40 -11.27
C VAL A 256 -0.66 -16.66 -10.59
N PRO A 257 -0.82 -16.46 -9.27
CA PRO A 257 -2.18 -16.64 -8.71
C PRO A 257 -3.21 -15.70 -9.31
N PHE A 258 -2.80 -14.54 -9.81
CA PHE A 258 -3.75 -13.65 -10.47
C PHE A 258 -4.28 -14.22 -11.77
N PHE A 259 -3.57 -15.18 -12.37
CA PHE A 259 -4.14 -15.93 -13.49
C PHE A 259 -5.34 -16.75 -13.04
N ILE A 260 -5.24 -17.38 -11.87
CA ILE A 260 -6.37 -18.13 -11.33
C ILE A 260 -7.52 -17.21 -10.97
N ALA A 261 -7.20 -16.06 -10.35
CA ALA A 261 -8.23 -15.08 -10.02
C ALA A 261 -8.90 -14.55 -11.27
N PHE A 262 -8.17 -14.48 -12.38
CA PHE A 262 -8.75 -14.05 -13.64
C PHE A 262 -9.79 -15.04 -14.16
N ILE A 263 -9.58 -16.33 -13.89
CA ILE A 263 -10.50 -17.34 -14.41
C ILE A 263 -11.85 -17.25 -13.73
N TYR A 264 -11.88 -17.15 -12.40
CA TYR A 264 -13.14 -17.13 -11.68
C TYR A 264 -13.74 -15.74 -11.56
N SER A 265 -13.04 -14.70 -12.02
CA SER A 265 -13.61 -13.35 -11.99
C SER A 265 -14.68 -13.16 -13.04
N TRP A 266 -14.78 -14.08 -14.02
CA TRP A 266 -15.86 -13.99 -15.00
C TRP A 266 -17.22 -14.24 -14.36
N PHE A 267 -17.25 -14.92 -13.22
CA PHE A 267 -18.49 -15.27 -12.53
C PHE A 267 -18.92 -14.22 -11.52
N PHE A 268 -18.22 -13.09 -11.44
CA PHE A 268 -18.61 -12.03 -10.53
C PHE A 268 -19.90 -11.38 -10.99
N ILE A 269 -20.57 -10.71 -10.06
CA ILE A 269 -21.81 -9.99 -10.33
C ILE A 269 -21.52 -8.50 -10.20
N GLU A 270 -21.79 -7.75 -11.26
CA GLU A 270 -21.53 -6.31 -11.25
C GLU A 270 -22.43 -5.62 -10.24
N SER A 271 -21.90 -4.57 -9.63
CA SER A 271 -22.64 -3.85 -8.59
C SER A 271 -23.93 -3.27 -9.17
N ALA A 272 -25.05 -3.53 -8.48
CA ALA A 272 -26.33 -3.02 -8.95
C ALA A 272 -26.44 -1.51 -8.81
N ARG A 273 -25.73 -0.94 -7.83
CA ARG A 273 -25.77 0.51 -7.65
C ARG A 273 -25.16 1.24 -8.84
N TRP A 274 -24.05 0.72 -9.37
CA TRP A 274 -23.45 1.34 -10.55
C TRP A 274 -24.35 1.23 -11.76
N TYR A 275 -25.04 0.10 -11.92
CA TYR A 275 -25.92 -0.10 -13.07
C TYR A 275 -27.02 0.95 -13.09
N SER A 276 -27.60 1.26 -11.94
CA SER A 276 -28.62 2.30 -11.86
C SER A 276 -28.03 3.67 -12.21
N SER A 277 -26.81 3.94 -11.78
CA SER A 277 -26.16 5.21 -12.09
C SER A 277 -25.89 5.36 -13.59
N SER A 278 -25.83 4.26 -14.33
CA SER A 278 -25.65 4.31 -15.77
C SER A 278 -26.97 4.39 -16.53
N GLY A 279 -28.10 4.47 -15.81
CA GLY A 279 -29.40 4.51 -16.45
C GLY A 279 -29.80 3.23 -17.14
N ARG A 280 -29.46 2.08 -16.58
CA ARG A 280 -29.83 0.78 -17.13
C ARG A 280 -30.50 -0.01 -16.00
N LEU A 281 -31.82 0.17 -15.86
CA LEU A 281 -32.54 -0.48 -14.79
C LEU A 281 -32.78 -1.96 -15.06
N ASP A 282 -32.85 -2.36 -16.34
CA ASP A 282 -33.01 -3.77 -16.66
C ASP A 282 -31.81 -4.58 -16.22
N LEU A 283 -30.61 -4.03 -16.39
CA LEU A 283 -29.41 -4.69 -15.87
C LEU A 283 -29.42 -4.70 -14.35
N THR A 284 -29.89 -3.62 -13.72
CA THR A 284 -29.98 -3.58 -12.27
C THR A 284 -30.96 -4.64 -11.76
N LEU A 285 -32.10 -4.79 -12.42
CA LEU A 285 -33.11 -5.75 -11.98
C LEU A 285 -32.59 -7.18 -12.07
N ARG A 286 -31.89 -7.51 -13.16
CA ARG A 286 -31.39 -8.87 -13.33
C ARG A 286 -30.36 -9.21 -12.26
N ALA A 287 -29.48 -8.26 -11.93
CA ALA A 287 -28.48 -8.49 -10.89
C ALA A 287 -29.16 -8.72 -9.53
N LEU A 288 -30.17 -7.91 -9.21
CA LEU A 288 -30.87 -8.07 -7.94
C LEU A 288 -31.64 -9.40 -7.90
N GLN A 289 -32.28 -9.77 -9.01
CA GLN A 289 -33.02 -11.03 -9.04
C GLN A 289 -32.08 -12.23 -9.00
N ARG A 290 -30.90 -12.11 -9.62
CA ARG A 290 -29.94 -13.21 -9.62
C ARG A 290 -29.45 -13.48 -8.20
N VAL A 291 -29.15 -12.44 -7.43
CA VAL A 291 -28.68 -12.61 -6.06
C VAL A 291 -29.76 -13.26 -5.20
N ALA A 292 -31.01 -12.80 -5.35
CA ALA A 292 -32.10 -13.37 -4.57
C ALA A 292 -32.27 -14.86 -4.88
N ARG A 293 -31.93 -15.27 -6.10
CA ARG A 293 -31.89 -16.70 -6.42
C ARG A 293 -30.82 -17.40 -5.60
N ILE A 294 -29.64 -16.76 -5.45
CA ILE A 294 -28.56 -17.35 -4.65
C ILE A 294 -28.92 -17.34 -3.17
N ASN A 295 -29.49 -16.23 -2.69
CA ASN A 295 -29.80 -16.10 -1.27
C ASN A 295 -30.97 -16.95 -0.83
N GLY A 296 -31.70 -17.58 -1.76
CA GLY A 296 -32.87 -18.35 -1.38
C GLY A 296 -34.14 -17.54 -1.24
N LYS A 297 -34.20 -16.36 -1.86
CA LYS A 297 -35.37 -15.50 -1.79
C LYS A 297 -35.94 -15.27 -3.18
N GLN A 298 -36.12 -16.34 -3.95
CA GLN A 298 -36.63 -16.22 -5.31
C GLN A 298 -37.98 -15.52 -5.34
N GLU A 299 -38.81 -15.75 -4.33
CA GLU A 299 -40.14 -15.13 -4.30
C GLU A 299 -40.05 -13.62 -4.22
N GLU A 300 -39.18 -13.09 -3.35
CA GLU A 300 -38.99 -11.66 -3.27
C GLU A 300 -38.33 -11.12 -4.53
N GLY A 301 -37.39 -11.86 -5.10
CA GLY A 301 -36.77 -11.44 -6.35
C GLY A 301 -37.75 -11.41 -7.51
N ALA A 302 -38.66 -12.40 -7.56
CA ALA A 302 -39.68 -12.40 -8.59
C ALA A 302 -40.66 -11.24 -8.40
N LYS A 303 -40.86 -10.80 -7.16
CA LYS A 303 -41.74 -9.67 -6.90
C LYS A 303 -41.16 -8.36 -7.41
N LEU A 304 -39.84 -8.27 -7.53
CA LEU A 304 -39.21 -7.04 -8.01
C LEU A 304 -39.53 -6.83 -9.49
N SER A 305 -39.68 -5.57 -9.87
CA SER A 305 -39.98 -5.20 -11.25
C SER A 305 -39.27 -3.90 -11.58
N ILE A 306 -39.23 -3.59 -12.88
CA ILE A 306 -38.53 -2.39 -13.35
C ILE A 306 -39.20 -1.14 -12.78
N GLU A 307 -40.53 -1.13 -12.73
CA GLU A 307 -41.23 0.01 -12.15
C GLU A 307 -40.91 0.17 -10.67
N VAL A 308 -40.83 -0.94 -9.94
CA VAL A 308 -40.52 -0.88 -8.51
C VAL A 308 -39.15 -0.27 -8.28
N LEU A 309 -38.18 -0.64 -9.11
CA LEU A 309 -36.83 -0.09 -8.97
C LEU A 309 -36.82 1.41 -9.23
N ARG A 310 -37.60 1.86 -10.21
CA ARG A 310 -37.67 3.29 -10.50
C ARG A 310 -38.24 4.06 -9.31
N THR A 311 -39.30 3.52 -8.69
CA THR A 311 -39.91 4.19 -7.54
C THR A 311 -38.96 4.23 -6.35
N SER A 312 -38.23 3.13 -6.12
CA SER A 312 -37.36 3.06 -4.94
C SER A 312 -36.12 3.93 -5.11
N LEU A 313 -35.52 3.92 -6.30
CA LEU A 313 -34.24 4.59 -6.54
C LEU A 313 -34.42 5.99 -7.11
N GLN A 314 -35.65 6.51 -7.16
CA GLN A 314 -35.85 7.85 -7.69
C GLN A 314 -35.14 8.90 -6.84
N LYS A 315 -35.23 8.77 -5.51
CA LYS A 315 -34.60 9.75 -4.63
C LYS A 315 -33.08 9.70 -4.74
N GLU A 316 -32.50 8.50 -4.81
CA GLU A 316 -31.05 8.38 -4.87
C GLU A 316 -30.50 8.96 -6.16
N LEU A 317 -31.18 8.72 -7.28
CA LEU A 317 -30.73 9.23 -8.57
C LEU A 317 -31.01 10.73 -8.69
N ALA A 324 -19.83 17.14 -4.75
CA ALA A 324 -19.27 18.29 -5.45
C ALA A 324 -18.03 17.89 -6.23
N SER A 325 -17.52 18.81 -7.04
CA SER A 325 -16.34 18.56 -7.84
C SER A 325 -15.08 18.56 -6.97
N ALA A 326 -14.02 17.96 -7.51
CA ALA A 326 -12.76 17.89 -6.77
C ALA A 326 -12.13 19.26 -6.59
N MET A 327 -12.48 20.22 -7.45
CA MET A 327 -11.95 21.57 -7.31
C MET A 327 -12.64 22.36 -6.21
N GLU A 328 -13.77 21.87 -5.69
CA GLU A 328 -14.45 22.56 -4.60
C GLU A 328 -13.59 22.57 -3.33
N LEU A 329 -12.76 21.54 -3.15
CA LEU A 329 -11.91 21.47 -1.96
C LEU A 329 -10.91 22.62 -1.90
N LEU A 330 -10.59 23.23 -3.04
CA LEU A 330 -9.69 24.38 -3.07
C LEU A 330 -10.42 25.71 -3.25
N ARG A 331 -11.73 25.69 -3.54
CA ARG A 331 -12.47 26.93 -3.70
C ARG A 331 -13.05 27.41 -2.38
N CYS A 332 -13.67 26.52 -1.62
CA CYS A 332 -14.29 26.89 -0.36
C CYS A 332 -13.23 27.08 0.71
N PRO A 333 -13.15 28.26 1.34
CA PRO A 333 -12.15 28.45 2.41
C PRO A 333 -12.34 27.49 3.59
N THR A 334 -13.58 27.16 3.93
CA THR A 334 -13.82 26.23 5.03
C THR A 334 -13.32 24.83 4.67
N LEU A 335 -13.57 24.38 3.44
CA LEU A 335 -13.08 23.09 2.98
C LEU A 335 -11.60 23.11 2.66
N ARG A 336 -11.01 24.28 2.43
CA ARG A 336 -9.60 24.36 2.11
C ARG A 336 -8.73 23.87 3.27
N HIS A 337 -9.00 24.37 4.48
CA HIS A 337 -8.20 23.97 5.63
C HIS A 337 -8.43 22.51 6.00
N LEU A 338 -9.58 21.95 5.64
CA LEU A 338 -9.79 20.51 5.84
C LEU A 338 -8.99 19.70 4.83
N PHE A 339 -8.99 20.13 3.57
CA PHE A 339 -8.25 19.40 2.54
C PHE A 339 -6.74 19.51 2.73
N LEU A 340 -6.26 20.71 3.10
CA LEU A 340 -4.83 20.88 3.31
C LEU A 340 -4.34 20.08 4.53
N CYS A 341 -5.05 20.19 5.65
CA CYS A 341 -4.62 19.50 6.86
C CYS A 341 -4.69 17.98 6.70
N LEU A 342 -5.74 17.49 6.06
CA LEU A 342 -5.87 16.04 5.88
C LEU A 342 -4.84 15.51 4.89
N SER A 343 -4.47 16.32 3.90
CA SER A 343 -3.48 15.90 2.92
C SER A 343 -2.13 15.62 3.58
N MET A 344 -1.71 16.50 4.50
CA MET A 344 -0.46 16.26 5.23
C MET A 344 -0.55 15.00 6.08
N LEU A 345 -1.71 14.77 6.72
CA LEU A 345 -1.88 13.55 7.52
C LEU A 345 -1.79 12.32 6.63
N TRP A 346 -2.44 12.35 5.47
CA TRP A 346 -2.34 11.22 4.54
C TRP A 346 -0.94 11.08 4.00
N PHE A 347 -0.30 12.20 3.64
CA PHE A 347 1.05 12.15 3.08
C PHE A 347 2.05 11.64 4.11
N ALA A 348 2.05 12.24 5.30
CA ALA A 348 3.05 11.91 6.30
C ALA A 348 2.91 10.47 6.79
N THR A 349 1.68 9.98 6.91
CA THR A 349 1.48 8.60 7.32
C THR A 349 2.11 7.63 6.32
N SER A 350 1.85 7.84 5.03
CA SER A 350 2.39 6.96 4.01
C SER A 350 3.86 7.23 3.74
N PHE A 351 4.30 8.48 3.83
CA PHE A 351 5.70 8.80 3.62
C PHE A 351 6.59 8.12 4.63
N ALA A 352 6.18 8.14 5.90
CA ALA A 352 6.95 7.47 6.95
C ALA A 352 6.75 5.97 6.94
N TYR A 353 5.56 5.50 6.55
CA TYR A 353 5.29 4.07 6.54
C TYR A 353 6.19 3.34 5.55
N TYR A 354 6.25 3.83 4.32
CA TYR A 354 7.05 3.16 3.29
C TYR A 354 8.53 3.49 3.40
N GLY A 355 8.90 4.52 4.15
CA GLY A 355 10.30 4.73 4.48
C GLY A 355 10.80 3.84 5.60
N LEU A 356 9.91 3.09 6.26
CA LEU A 356 10.25 2.20 7.34
C LEU A 356 10.05 0.73 7.01
N VAL A 357 8.95 0.39 6.32
CA VAL A 357 8.70 -1.00 5.95
C VAL A 357 9.58 -1.45 4.79
N MET A 358 10.25 -0.52 4.10
CA MET A 358 11.11 -0.84 2.97
C MET A 358 12.59 -0.73 3.34
N ASP A 359 12.91 -0.79 4.63
CA ASP A 359 14.29 -0.73 5.11
C ASP A 359 14.51 -1.82 6.14
N LEU A 360 14.12 -3.06 5.78
CA LEU A 360 14.16 -4.18 6.72
C LEU A 360 15.55 -4.77 6.90
N GLN A 361 16.53 -4.36 6.09
CA GLN A 361 17.86 -4.96 6.15
C GLN A 361 18.80 -4.28 7.13
N GLY A 362 18.42 -3.14 7.70
CA GLY A 362 19.31 -2.39 8.56
C GLY A 362 19.25 -2.69 10.04
N PHE A 363 18.35 -3.57 10.46
CA PHE A 363 18.15 -3.84 11.88
C PHE A 363 19.07 -4.91 12.44
N GLY A 364 19.85 -5.59 11.61
CA GLY A 364 20.73 -6.63 12.07
C GLY A 364 20.04 -7.95 12.38
N VAL A 365 18.74 -8.06 12.12
CA VAL A 365 17.99 -9.27 12.33
C VAL A 365 17.60 -9.82 10.97
N SER A 366 17.33 -11.12 10.91
CA SER A 366 16.93 -11.75 9.66
C SER A 366 15.69 -11.07 9.10
N MET A 367 15.73 -10.79 7.79
CA MET A 367 14.66 -10.02 7.16
C MET A 367 13.31 -10.73 7.24
N TYR A 368 13.31 -12.07 7.15
CA TYR A 368 12.06 -12.80 7.25
C TYR A 368 11.45 -12.69 8.65
N LEU A 369 12.29 -12.64 9.69
CA LEU A 369 11.79 -12.43 11.03
C LEU A 369 11.16 -11.05 11.18
N ILE A 370 11.81 -10.02 10.61
CA ILE A 370 11.29 -8.67 10.74
C ILE A 370 9.98 -8.52 9.99
N GLN A 371 9.88 -9.13 8.81
CA GLN A 371 8.63 -9.08 8.05
C GLN A 371 7.50 -9.76 8.81
N VAL A 372 7.79 -10.90 9.45
CA VAL A 372 6.77 -11.57 10.25
C VAL A 372 6.35 -10.70 11.42
N ILE A 373 7.32 -10.09 12.12
CA ILE A 373 7.00 -9.24 13.27
C ILE A 373 6.25 -8.00 12.81
N PHE A 374 6.63 -7.43 11.66
CA PHE A 374 5.96 -6.23 11.16
C PHE A 374 4.49 -6.50 10.91
N GLY A 375 4.16 -7.64 10.31
CA GLY A 375 2.77 -8.02 10.15
C GLY A 375 2.08 -8.47 11.41
N ALA A 376 2.86 -8.93 12.40
CA ALA A 376 2.28 -9.36 13.67
C ALA A 376 1.89 -8.18 14.54
N VAL A 377 2.63 -7.08 14.47
CA VAL A 377 2.32 -5.92 15.29
C VAL A 377 1.10 -5.17 14.77
N ASP A 378 0.67 -5.45 13.53
CA ASP A 378 -0.49 -4.76 12.98
C ASP A 378 -1.75 -5.11 13.74
N LEU A 379 -1.91 -6.37 14.14
CA LEU A 379 -3.13 -6.80 14.81
C LEU A 379 -3.36 -6.08 16.14
N PRO A 380 -2.39 -6.01 17.07
CA PRO A 380 -2.64 -5.24 18.31
C PRO A 380 -2.69 -3.75 18.09
N ALA A 381 -1.94 -3.23 17.11
CA ALA A 381 -1.93 -1.78 16.88
C ALA A 381 -3.29 -1.28 16.43
N LYS A 382 -3.94 -2.00 15.51
CA LYS A 382 -5.28 -1.60 15.08
C LYS A 382 -6.31 -1.83 16.19
N PHE A 383 -6.12 -2.90 16.98
CA PHE A 383 -7.02 -3.14 18.10
C PHE A 383 -6.89 -2.04 19.14
N VAL A 384 -5.67 -1.60 19.43
CA VAL A 384 -5.46 -0.48 20.35
C VAL A 384 -6.05 0.79 19.77
N CYS A 385 -5.96 0.97 18.45
CA CYS A 385 -6.49 2.17 17.82
C CYS A 385 -7.99 2.30 18.05
N PHE A 386 -8.73 1.20 17.93
CA PHE A 386 -10.18 1.24 18.17
C PHE A 386 -10.49 1.58 19.62
N LEU A 387 -9.67 1.10 20.56
CA LEU A 387 -9.88 1.45 21.96
C LEU A 387 -9.66 2.94 22.20
N VAL A 388 -8.57 3.48 21.64
CA VAL A 388 -8.27 4.90 21.84
C VAL A 388 -9.27 5.77 21.10
N ILE A 389 -9.70 5.35 19.90
CA ILE A 389 -10.63 6.14 19.11
C ILE A 389 -11.95 6.30 19.84
N ASN A 390 -12.47 5.20 20.41
CA ASN A 390 -13.75 5.26 21.10
C ASN A 390 -13.65 5.89 22.48
N SER A 391 -12.47 5.86 23.10
CA SER A 391 -12.31 6.36 24.47
C SER A 391 -11.92 7.83 24.49
N MET A 392 -10.78 8.17 23.90
CA MET A 392 -10.30 9.55 23.95
C MET A 392 -10.82 10.38 22.78
N GLY A 393 -10.93 9.78 21.60
CA GLY A 393 -11.40 10.46 20.42
C GLY A 393 -10.46 10.25 19.25
N ARG A 394 -10.97 10.65 18.07
CA ARG A 394 -10.19 10.49 16.85
C ARG A 394 -8.96 11.37 16.84
N ARG A 395 -9.11 12.64 17.24
CA ARG A 395 -7.97 13.56 17.22
C ARG A 395 -6.85 13.15 18.16
N PRO A 396 -7.10 12.84 19.44
CA PRO A 396 -6.00 12.36 20.28
C PRO A 396 -5.39 11.05 19.78
N ALA A 397 -6.20 10.18 19.18
CA ALA A 397 -5.65 8.95 18.60
C ALA A 397 -4.78 9.26 17.40
N GLN A 398 -5.15 10.25 16.60
CA GLN A 398 -4.33 10.63 15.45
C GLN A 398 -3.03 11.31 15.89
N MET A 399 -3.11 12.19 16.89
CA MET A 399 -1.91 12.85 17.38
C MET A 399 -0.94 11.84 18.00
N ALA A 400 -1.45 10.97 18.87
CA ALA A 400 -0.59 10.02 19.56
C ALA A 400 0.06 9.04 18.60
N SER A 401 -0.70 8.53 17.63
CA SER A 401 -0.13 7.56 16.69
C SER A 401 0.94 8.20 15.82
N LEU A 402 0.71 9.43 15.35
CA LEU A 402 1.68 10.08 14.48
C LEU A 402 2.89 10.57 15.25
N LEU A 403 2.67 11.17 16.44
CA LEU A 403 3.78 11.67 17.23
C LEU A 403 4.66 10.54 17.73
N LEU A 404 4.06 9.45 18.21
CA LEU A 404 4.85 8.32 18.69
C LEU A 404 5.62 7.66 17.55
N ALA A 405 5.00 7.55 16.37
CA ALA A 405 5.71 7.02 15.23
C ALA A 405 6.87 7.91 14.82
N GLY A 406 6.65 9.23 14.81
CA GLY A 406 7.73 10.15 14.47
C GLY A 406 8.86 10.11 15.49
N ILE A 407 8.51 10.04 16.78
CA ILE A 407 9.54 9.96 17.81
C ILE A 407 10.33 8.67 17.69
N CYS A 408 9.63 7.55 17.45
CA CYS A 408 10.30 6.26 17.36
C CYS A 408 11.30 6.22 16.20
N ILE A 409 10.92 6.79 15.05
CA ILE A 409 11.82 6.82 13.90
C ILE A 409 13.01 7.73 14.20
N LEU A 410 12.77 8.88 14.82
CA LEU A 410 13.85 9.82 15.11
C LEU A 410 14.88 9.21 16.07
N VAL A 411 14.41 8.55 17.12
CA VAL A 411 15.33 7.91 18.06
C VAL A 411 16.07 6.76 17.38
N ASN A 412 15.44 6.10 16.42
CA ASN A 412 16.10 5.01 15.71
C ASN A 412 17.33 5.49 14.97
N GLY A 413 17.27 6.69 14.39
CA GLY A 413 18.43 7.24 13.71
C GLY A 413 19.57 7.58 14.67
N ILE A 414 19.24 8.07 15.85
CA ILE A 414 20.26 8.46 16.81
C ILE A 414 20.99 7.24 17.37
N ILE A 415 20.26 6.19 17.71
CA ILE A 415 20.85 5.01 18.34
C ILE A 415 21.79 4.33 17.35
N PRO A 416 22.99 3.92 17.77
CA PRO A 416 23.89 3.21 16.86
C PRO A 416 23.32 1.86 16.43
N LYS A 417 23.77 1.40 15.27
CA LYS A 417 23.26 0.16 14.69
C LYS A 417 23.63 -1.07 15.52
N SER A 418 24.55 -0.95 16.47
CA SER A 418 24.94 -2.12 17.26
C SER A 418 23.81 -2.62 18.15
N HIS A 419 22.91 -1.72 18.56
CA HIS A 419 21.77 -2.09 19.40
C HIS A 419 20.67 -2.64 18.51
N THR A 420 20.87 -3.88 18.04
CA THR A 420 19.91 -4.49 17.12
C THR A 420 18.55 -4.70 17.78
N ILE A 421 18.53 -5.16 19.03
CA ILE A 421 17.27 -5.44 19.71
C ILE A 421 16.51 -4.16 19.98
N ILE A 422 17.20 -3.13 20.49
CA ILE A 422 16.54 -1.88 20.81
C ILE A 422 16.05 -1.19 19.54
N ARG A 423 16.89 -1.17 18.50
CA ARG A 423 16.50 -0.51 17.25
C ARG A 423 15.33 -1.24 16.58
N THR A 424 15.31 -2.57 16.65
CA THR A 424 14.19 -3.32 16.09
C THR A 424 12.89 -3.01 16.79
N SER A 425 12.92 -2.92 18.13
CA SER A 425 11.70 -2.65 18.88
C SER A 425 11.13 -1.28 18.55
N LEU A 426 12.00 -0.28 18.40
CA LEU A 426 11.52 1.05 18.01
C LEU A 426 10.92 1.04 16.62
N ALA A 427 11.53 0.31 15.69
CA ALA A 427 10.99 0.21 14.35
C ALA A 427 9.64 -0.52 14.34
N VAL A 428 9.53 -1.59 15.13
CA VAL A 428 8.26 -2.31 15.22
C VAL A 428 7.19 -1.42 15.85
N LEU A 429 7.55 -0.73 16.94
CA LEU A 429 6.60 0.20 17.56
C LEU A 429 6.22 1.32 16.61
N GLY A 430 7.20 1.85 15.87
CA GLY A 430 6.89 2.89 14.89
C GLY A 430 6.02 2.37 13.77
N LYS A 431 6.28 1.14 13.31
CA LYS A 431 5.44 0.53 12.28
C LYS A 431 4.02 0.31 12.79
N GLY A 432 3.88 -0.14 14.03
CA GLY A 432 2.55 -0.31 14.58
C GLY A 432 1.80 1.00 14.72
N CYS A 433 2.50 2.06 15.15
CA CYS A 433 1.87 3.37 15.27
C CYS A 433 1.46 3.90 13.89
N LEU A 434 2.32 3.72 12.89
CA LEU A 434 1.97 4.16 11.54
C LEU A 434 0.80 3.37 10.98
N ALA A 435 0.77 2.06 11.23
CA ALA A 435 -0.40 1.26 10.88
C ALA A 435 -1.62 1.68 11.67
N SER A 436 -1.43 2.04 12.94
CA SER A 436 -2.52 2.60 13.74
C SER A 436 -3.03 3.90 13.13
N SER A 437 -2.11 4.75 12.66
CA SER A 437 -2.51 6.01 12.05
C SER A 437 -3.28 5.79 10.75
N PHE A 438 -2.90 4.76 9.98
CA PHE A 438 -3.61 4.48 8.73
C PHE A 438 -5.07 4.13 8.98
N ASN A 439 -5.33 3.33 10.02
CA ASN A 439 -6.72 2.99 10.36
C ASN A 439 -7.48 4.22 10.85
N CYS A 440 -6.85 5.05 11.66
CA CYS A 440 -7.53 6.22 12.21
C CYS A 440 -7.78 7.27 11.13
N ILE A 441 -6.82 7.49 10.24
CA ILE A 441 -6.97 8.53 9.23
C ILE A 441 -8.07 8.17 8.24
N PHE A 442 -8.29 6.87 8.00
CA PHE A 442 -9.39 6.47 7.12
C PHE A 442 -10.74 6.75 7.78
N LEU A 443 -10.87 6.44 9.06
CA LEU A 443 -12.12 6.73 9.77
C LEU A 443 -12.28 8.23 10.00
N TYR A 444 -11.18 8.93 10.28
CA TYR A 444 -11.27 10.35 10.56
C TYR A 444 -11.68 11.13 9.31
N THR A 445 -11.18 10.72 8.14
CA THR A 445 -11.53 11.41 6.90
C THR A 445 -13.01 11.29 6.57
N GLY A 446 -13.60 10.12 6.82
CA GLY A 446 -15.02 9.94 6.52
C GLY A 446 -15.90 10.83 7.37
N GLU A 447 -15.59 10.97 8.65
CA GLU A 447 -16.39 11.75 9.57
C GLU A 447 -16.06 13.24 9.54
N LEU A 448 -15.06 13.66 8.78
CA LEU A 448 -14.71 15.06 8.65
C LEU A 448 -15.39 15.74 7.48
N TYR A 449 -15.32 15.15 6.30
CA TYR A 449 -15.88 15.76 5.11
C TYR A 449 -17.40 15.66 5.13
N PRO A 450 -18.09 16.66 4.57
CA PRO A 450 -19.54 16.54 4.41
C PRO A 450 -19.88 15.47 3.38
N THR A 451 -21.14 15.02 3.43
CA THR A 451 -21.56 13.91 2.59
C THR A 451 -21.48 14.26 1.10
N VAL A 452 -21.52 15.56 0.76
CA VAL A 452 -21.46 15.95 -0.65
C VAL A 452 -20.07 15.69 -1.23
N ILE A 453 -19.04 15.77 -0.38
CA ILE A 453 -17.66 15.65 -0.84
C ILE A 453 -16.92 14.55 -0.08
N ARG A 454 -17.65 13.70 0.65
CA ARG A 454 -17.00 12.66 1.43
C ARG A 454 -16.24 11.67 0.54
N GLN A 455 -16.85 11.26 -0.57
CA GLN A 455 -16.19 10.31 -1.46
C GLN A 455 -15.00 10.96 -2.17
N THR A 456 -15.16 12.21 -2.63
CA THR A 456 -14.06 12.91 -3.27
C THR A 456 -12.91 13.15 -2.31
N GLY A 457 -13.23 13.55 -1.07
CA GLY A 457 -12.18 13.80 -0.09
C GLY A 457 -11.43 12.53 0.28
N LEU A 458 -12.15 11.41 0.37
CA LEU A 458 -11.49 10.14 0.65
C LEU A 458 -10.54 9.74 -0.48
N GLY A 459 -10.98 9.94 -1.73
CA GLY A 459 -10.11 9.63 -2.86
C GLY A 459 -8.91 10.55 -2.94
N MET A 460 -9.10 11.85 -2.69
CA MET A 460 -7.99 12.78 -2.71
C MET A 460 -7.02 12.51 -1.57
N GLY A 461 -7.52 12.12 -0.40
CA GLY A 461 -6.63 11.76 0.69
C GLY A 461 -5.80 10.53 0.37
N SER A 462 -6.42 9.52 -0.25
CA SER A 462 -5.66 8.33 -0.65
C SER A 462 -4.67 8.66 -1.76
N THR A 463 -4.96 9.66 -2.59
CA THR A 463 -4.01 10.08 -3.61
C THR A 463 -2.73 10.62 -2.98
N MET A 464 -2.86 11.43 -1.92
CA MET A 464 -1.67 11.95 -1.26
C MET A 464 -0.88 10.85 -0.57
N ALA A 465 -1.55 9.78 -0.13
CA ALA A 465 -0.82 8.64 0.41
C ALA A 465 0.05 7.99 -0.66
N ARG A 466 -0.47 7.89 -1.89
CA ARG A 466 0.33 7.33 -2.98
C ARG A 466 1.48 8.26 -3.36
N VAL A 467 1.27 9.58 -3.25
CA VAL A 467 2.36 10.51 -3.50
C VAL A 467 3.45 10.34 -2.45
N GLY A 468 3.07 10.15 -1.19
CA GLY A 468 4.06 9.92 -0.15
C GLY A 468 4.87 8.67 -0.38
N SER A 469 4.24 7.63 -0.92
CA SER A 469 4.95 6.40 -1.25
C SER A 469 5.82 6.55 -2.50
N ILE A 470 5.64 7.63 -3.26
CA ILE A 470 6.52 7.89 -4.39
C ILE A 470 7.76 8.65 -3.96
N VAL A 471 7.58 9.67 -3.12
CA VAL A 471 8.70 10.48 -2.65
C VAL A 471 9.55 9.73 -1.64
N SER A 472 8.99 8.77 -0.91
CA SER A 472 9.74 8.05 0.11
C SER A 472 10.96 7.32 -0.45
N PRO A 473 10.89 6.56 -1.55
CA PRO A 473 12.12 6.01 -2.12
C PRO A 473 13.12 7.06 -2.57
N LEU A 474 12.63 8.21 -3.05
CA LEU A 474 13.54 9.28 -3.45
C LEU A 474 14.32 9.82 -2.27
N VAL A 475 13.66 9.98 -1.12
CA VAL A 475 14.35 10.45 0.09
C VAL A 475 15.38 9.42 0.55
N SER A 476 15.06 8.13 0.39
CA SER A 476 16.00 7.09 0.75
C SER A 476 17.28 7.13 -0.08
N MET A 477 17.25 7.79 -1.24
CA MET A 477 18.46 7.92 -2.06
C MET A 477 19.48 8.83 -1.39
N THR A 478 19.04 9.70 -0.47
CA THR A 478 19.95 10.64 0.17
C THR A 478 20.94 9.96 1.12
N ALA A 479 20.78 8.66 1.38
CA ALA A 479 21.76 7.93 2.17
C ALA A 479 23.09 7.80 1.46
N GLU A 480 23.17 8.14 0.17
CA GLU A 480 24.45 8.17 -0.54
C GLU A 480 25.46 9.06 0.17
N PHE A 481 25.04 10.27 0.56
CA PHE A 481 25.93 11.27 1.12
C PHE A 481 25.79 11.39 2.63
N TYR A 482 24.57 11.42 3.13
CA TYR A 482 24.32 11.48 4.58
C TYR A 482 23.54 10.24 4.99
N PRO A 483 24.20 9.24 5.60
CA PRO A 483 23.50 7.98 5.90
C PRO A 483 22.31 8.16 6.83
N SER A 484 22.38 9.09 7.77
CA SER A 484 21.30 9.29 8.74
C SER A 484 20.24 10.27 8.25
N MET A 485 20.43 10.87 7.07
CA MET A 485 19.45 11.84 6.58
C MET A 485 18.07 11.23 6.33
N PRO A 486 17.92 10.08 5.65
CA PRO A 486 16.57 9.56 5.41
C PRO A 486 15.79 9.29 6.69
N LEU A 487 16.44 8.76 7.73
CA LEU A 487 15.73 8.47 8.98
C LEU A 487 15.25 9.75 9.65
N PHE A 488 16.07 10.81 9.61
CA PHE A 488 15.67 12.08 10.20
C PHE A 488 14.48 12.68 9.44
N ILE A 489 14.48 12.59 8.12
CA ILE A 489 13.36 13.10 7.34
C ILE A 489 12.13 12.22 7.53
N PHE A 490 12.31 10.90 7.57
CA PHE A 490 11.18 9.99 7.76
C PHE A 490 10.56 10.13 9.14
N GLY A 491 11.29 10.71 10.10
CA GLY A 491 10.76 10.88 11.43
C GLY A 491 10.24 12.28 11.70
N ALA A 492 10.86 13.28 11.07
CA ALA A 492 10.46 14.67 11.32
C ALA A 492 9.10 14.99 10.72
N VAL A 493 8.77 14.40 9.57
CA VAL A 493 7.48 14.68 8.93
C VAL A 493 6.30 14.25 9.80
N PRO A 494 6.27 13.04 10.37
CA PRO A 494 5.13 12.70 11.26
C PRO A 494 5.01 13.62 12.46
N VAL A 495 6.12 14.11 13.00
CA VAL A 495 6.05 15.03 14.14
C VAL A 495 5.33 16.31 13.74
N VAL A 496 5.65 16.84 12.55
CA VAL A 496 4.95 18.02 12.06
C VAL A 496 3.49 17.68 11.76
N ALA A 497 3.22 16.48 11.27
CA ALA A 497 1.84 16.07 10.98
C ALA A 497 1.00 16.00 12.26
N SER A 498 1.59 15.53 13.35
CA SER A 498 0.86 15.50 14.61
C SER A 498 0.46 16.90 15.05
N ALA A 499 1.33 17.89 14.81
CA ALA A 499 1.01 19.27 15.17
C ALA A 499 -0.16 19.79 14.35
N VAL A 500 -0.21 19.46 13.06
CA VAL A 500 -1.28 19.96 12.21
C VAL A 500 -2.61 19.26 12.49
N THR A 501 -2.58 18.14 13.21
CA THR A 501 -3.83 17.49 13.59
C THR A 501 -4.62 18.34 14.57
N ALA A 502 -3.91 19.14 15.39
CA ALA A 502 -4.59 19.96 16.40
C ALA A 502 -5.56 20.96 15.75
N LEU A 503 -5.28 21.36 14.51
CA LEU A 503 -6.20 22.26 13.81
C LEU A 503 -7.51 21.59 13.42
N LEU A 504 -7.49 20.28 13.21
CA LEU A 504 -8.71 19.56 12.85
C LEU A 504 -9.65 19.51 14.05
N PRO A 505 -10.96 19.47 13.84
CA PRO A 505 -11.90 19.41 14.97
C PRO A 505 -12.25 17.97 15.34
N GLU A 506 -12.61 17.79 16.61
CA GLU A 506 -12.98 16.49 17.11
C GLU A 506 -14.37 16.11 16.61
N THR A 507 -14.50 14.89 16.08
CA THR A 507 -15.77 14.41 15.55
C THR A 507 -16.36 13.26 16.34
N LEU A 508 -15.75 12.84 17.44
CA LEU A 508 -16.31 11.78 18.26
C LEU A 508 -17.56 12.27 18.98
N GLY A 509 -18.65 11.52 18.85
CA GLY A 509 -19.91 11.93 19.46
C GLY A 509 -20.62 13.08 18.78
N GLN A 510 -20.18 13.45 17.57
CA GLN A 510 -20.77 14.56 16.84
C GLN A 510 -21.53 14.04 15.62
N PRO A 511 -22.62 14.70 15.23
CA PRO A 511 -23.36 14.26 14.03
C PRO A 511 -22.54 14.45 12.77
N LEU A 512 -22.77 13.57 11.81
CA LEU A 512 -22.06 13.62 10.54
C LEU A 512 -22.54 14.82 9.73
N PRO A 513 -21.65 15.72 9.30
CA PRO A 513 -22.09 16.85 8.49
C PRO A 513 -22.60 16.39 7.13
N ASP A 514 -23.53 17.16 6.58
CA ASP A 514 -24.15 16.86 5.29
C ASP A 514 -23.78 17.86 4.21
N THR A 515 -23.83 19.16 4.50
CA THR A 515 -23.50 20.20 3.56
C THR A 515 -22.34 21.03 4.10
N VAL A 516 -21.92 22.03 3.31
CA VAL A 516 -20.86 22.92 3.74
C VAL A 516 -21.33 23.80 4.90
N GLN A 517 -22.63 24.10 4.96
CA GLN A 517 -23.14 24.95 6.02
C GLN A 517 -22.96 24.31 7.39
N ASP A 518 -23.09 22.98 7.47
CA ASP A 518 -22.87 22.30 8.74
C ASP A 518 -21.44 22.46 9.24
N LEU A 519 -20.48 22.54 8.32
CA LEU A 519 -19.09 22.74 8.72
C LEU A 519 -18.91 24.08 9.43
N LYS A 520 -19.52 25.15 8.92
CA LYS A 520 -19.41 26.45 9.55
C LYS A 520 -20.15 26.49 10.88
N SER A 521 -21.31 25.84 10.95
CA SER A 521 -22.09 25.83 12.18
C SER A 521 -21.33 25.14 13.32
N ARG A 522 -20.68 24.02 13.01
CA ARG A 522 -19.90 23.31 14.04
C ARG A 522 -18.73 24.16 14.51
N SER A 523 -18.04 24.84 13.59
CA SER A 523 -16.91 25.68 13.97
C SER A 523 -17.37 26.85 14.84
N ARG A 524 -18.50 27.45 14.49
CA ARG A 524 -19.03 28.58 15.25
C ARG A 524 -19.55 28.14 16.61
C13 RTO B . -3.39 -0.18 4.68
C15 RTO B . -1.05 0.01 5.17
C17 RTO B . -2.61 -0.68 7.02
C01 RTO B . 0.61 3.69 -1.77
C02 RTO B . -0.72 3.42 -1.07
C03 RTO B . -0.59 3.43 0.46
C05 RTO B . -2.79 3.38 1.67
C06 RTO B . -3.92 3.59 0.65
C07 RTO B . -4.91 4.66 1.08
C11 RTO B . -1.86 0.48 2.96
C12 RTO B . -3.15 0.19 3.37
C14 RTO B . -2.35 -0.27 5.57
C16 RTO B . -0.81 0.40 3.86
N04 RTO B . -1.67 2.68 1.05
O09 RTO B . -0.22 0.51 0.80
O10 RTO B . -2.41 0.27 0.30
O18 RTO B . -3.58 -0.20 7.64
O19 RTO B . -1.85 -1.51 7.58
S08 RTO B . -1.53 0.98 1.23
#